data_6BQL
#
_entry.id   6BQL
#
_cell.length_a   73.738
_cell.length_b   73.738
_cell.length_c   123.883
_cell.angle_alpha   90.00
_cell.angle_beta   90.00
_cell.angle_gamma   90.00
#
_symmetry.space_group_name_H-M   'P 43 21 2'
#
loop_
_entity.id
_entity.type
_entity.pdbx_description
1 polymer 'Calcium/calmodulin-dependent protein kinase kinase 2'
2 non-polymer 2-({5-CHLORO-2-[(2-METHOXY-4-MORPHOLIN-4-YLPHENYL)AMINO]PYRIMIDIN-4-YL}AMINO)-N-METHYLBENZAMIDE
3 non-polymer 1,2-ETHANEDIOL
4 non-polymer 'CHLORIDE ION'
5 non-polymer 'ACETATE ION'
6 non-polymer 'AMMONIUM ION'
7 water water
#
_entity_poly.entity_id   1
_entity_poly.type   'polypeptide(L)'
_entity_poly.pdbx_seq_one_letter_code
;SMQLNQYTLKDEIGKGSYGVVKLAYNENDNTYYAMKVLSKKKLIRQAGFPRRPPPRGTRPAPGGCIQPRGPIEQVYQEIA
ILKKLDHPNVVKLVEVLDDPNEDHLYMVFELVNQGPVMEVPTLKPLSEDQARFYFQDLIKGIEYLHYQKIIHRDIKPSNL
LVGEDGHIKIADFGVSNEFKGSDALLSNTVGTPAFMAPESLSETRKIFSGKALDVWAMGVTLYCFVFGQCPFMDERIMCL
HSKIKSQALEFPDQPDIAEDLKDLITRMLDKNPESRIVVPEIKLHPWVTRH
;
_entity_poly.pdbx_strand_id   A
#
loop_
_chem_comp.id
_chem_comp.type
_chem_comp.name
_chem_comp.formula
ACT non-polymer 'ACETATE ION' 'C2 H3 O2 -1'
BI9 non-polymer 2-({5-CHLORO-2-[(2-METHOXY-4-MORPHOLIN-4-YLPHENYL)AMINO]PYRIMIDIN-4-YL}AMINO)-N-METHYLBENZAMIDE 'C23 H25 Cl N6 O3'
CL non-polymer 'CHLORIDE ION' 'Cl -1'
EDO non-polymer 1,2-ETHANEDIOL 'C2 H6 O2'
NH4 non-polymer 'AMMONIUM ION' 'H4 N 1'
#
# COMPACT_ATOMS: atom_id res chain seq x y z
N SER A 1 21.75 19.61 -10.54
CA SER A 1 21.59 18.92 -9.27
C SER A 1 21.65 19.95 -8.15
N MET A 2 21.34 19.52 -6.95
CA MET A 2 21.56 20.40 -5.80
C MET A 2 22.13 19.58 -4.60
N GLN A 3 22.83 20.22 -3.64
CA GLN A 3 23.46 19.55 -2.47
C GLN A 3 22.53 19.70 -1.28
N LEU A 4 22.33 18.61 -0.58
CA LEU A 4 21.58 18.62 0.64
C LEU A 4 22.31 17.73 1.59
N ASN A 5 22.97 18.35 2.57
CA ASN A 5 23.89 17.65 3.46
C ASN A 5 24.83 16.79 2.61
N GLN A 6 24.98 15.53 2.93
CA GLN A 6 25.86 14.64 2.20
C GLN A 6 25.26 14.12 0.88
N TYR A 7 24.03 14.52 0.57
CA TYR A 7 23.38 14.04 -0.66
C TYR A 7 23.47 15.01 -1.82
N THR A 8 23.74 14.47 -3.00
CA THR A 8 23.51 15.18 -4.23
C THR A 8 22.13 14.73 -4.86
N LEU A 9 21.22 15.68 -4.94
CA LEU A 9 19.86 15.47 -5.42
C LEU A 9 19.88 15.62 -6.93
N LYS A 10 19.26 14.66 -7.61
CA LYS A 10 19.35 14.62 -9.07
C LYS A 10 17.98 14.45 -9.68
N ASP A 11 17.84 13.46 -10.55
CA ASP A 11 16.63 13.25 -11.34
C ASP A 11 15.41 13.10 -10.48
N GLU A 12 14.31 13.71 -10.90
CA GLU A 12 13.06 13.58 -10.18
C GLU A 12 12.44 12.23 -10.59
N ILE A 13 12.10 11.37 -9.63
CA ILE A 13 11.60 10.02 -9.98
C ILE A 13 10.12 9.82 -9.66
N GLY A 14 9.51 10.81 -9.01
CA GLY A 14 8.10 10.70 -8.60
C GLY A 14 7.62 12.03 -8.11
N LYS A 15 6.31 12.25 -8.25
CA LYS A 15 5.64 13.48 -7.76
C LYS A 15 4.18 13.07 -7.52
N GLY A 16 3.65 13.33 -6.33
CA GLY A 16 2.30 12.83 -5.93
C GLY A 16 1.71 13.79 -4.94
N SER A 17 0.55 13.49 -4.35
CA SER A 17 -0.03 14.49 -3.42
C SER A 17 0.89 14.80 -2.22
N TYR A 18 1.62 13.77 -1.75
CA TYR A 18 2.58 13.92 -0.61
C TYR A 18 3.69 14.94 -0.88
N GLY A 19 4.39 14.72 -1.97
CA GLY A 19 5.55 15.52 -2.31
C GLY A 19 6.31 14.84 -3.43
N VAL A 20 7.54 15.27 -3.62
CA VAL A 20 8.37 14.82 -4.71
C VAL A 20 9.41 13.82 -4.22
N VAL A 21 9.75 12.89 -5.09
CA VAL A 21 10.78 11.91 -4.86
C VAL A 21 11.95 12.14 -5.85
N LYS A 22 13.14 12.32 -5.30
CA LYS A 22 14.33 12.56 -6.10
C LYS A 22 15.32 11.43 -5.96
N LEU A 23 16.01 11.10 -7.06
CA LEU A 23 17.18 10.26 -6.96
C LEU A 23 18.27 11.03 -6.19
N ALA A 24 18.87 10.40 -5.18
CA ALA A 24 19.85 11.11 -4.34
C ALA A 24 21.12 10.28 -4.22
N TYR A 25 22.25 10.84 -4.53
CA TYR A 25 23.51 10.14 -4.40
C TYR A 25 24.21 10.57 -3.11
N ASN A 26 24.52 9.62 -2.25
CA ASN A 26 25.16 9.91 -0.97
C ASN A 26 26.64 9.85 -1.22
N GLU A 27 27.30 10.98 -0.98
CA GLU A 27 28.76 11.11 -1.25
C GLU A 27 29.65 10.39 -0.23
N ASN A 28 29.12 10.11 0.95
CA ASN A 28 29.88 9.45 2.03
C ASN A 28 29.93 7.96 1.82
N ASP A 29 28.82 7.32 1.43
CA ASP A 29 28.85 5.88 1.16
C ASP A 29 28.79 5.46 -0.33
N ASN A 30 28.95 6.42 -1.26
CA ASN A 30 28.86 6.19 -2.75
C ASN A 30 27.68 5.28 -3.19
N THR A 31 26.51 5.57 -2.61
CA THR A 31 25.29 4.81 -2.85
C THR A 31 24.17 5.77 -3.23
N TYR A 32 23.24 5.28 -4.02
CA TYR A 32 22.06 6.04 -4.44
C TYR A 32 20.86 5.70 -3.53
N TYR A 33 19.99 6.68 -3.30
CA TYR A 33 18.79 6.52 -2.45
C TYR A 33 17.67 7.33 -3.10
N ALA A 34 16.45 7.14 -2.63
CA ALA A 34 15.32 7.95 -3.06
C ALA A 34 15.04 8.92 -1.97
N MET A 35 15.06 10.21 -2.28
CA MET A 35 14.74 11.20 -1.27
C MET A 35 13.36 11.78 -1.52
N LYS A 36 12.45 11.57 -0.59
CA LYS A 36 11.18 12.27 -0.59
C LYS A 36 11.26 13.64 0.12
N VAL A 37 10.88 14.70 -0.60
CA VAL A 37 10.87 16.10 -0.11
C VAL A 37 9.44 16.54 0.12
N LEU A 38 9.10 16.96 1.34
CA LEU A 38 7.75 17.39 1.67
C LEU A 38 7.82 18.77 2.30
N SER A 39 6.78 19.57 2.11
CA SER A 39 6.59 20.81 2.87
C SER A 39 5.56 20.57 4.01
N LYS A 40 5.99 20.91 5.21
CA LYS A 40 5.11 20.87 6.38
C LYS A 40 3.89 21.80 6.21
N LYS A 41 4.10 23.06 5.80
CA LYS A 41 2.97 24.01 5.56
C LYS A 41 2.00 23.48 4.53
N LYS A 42 2.53 22.87 3.48
CA LYS A 42 1.69 22.26 2.44
C LYS A 42 0.88 21.08 2.99
N LEU A 43 1.51 20.19 3.75
CA LEU A 43 0.78 19.06 4.36
C LEU A 43 -0.34 19.54 5.29
N ILE A 44 -0.02 20.54 6.12
CA ILE A 44 -1.01 21.16 7.02
C ILE A 44 -2.16 21.72 6.16
N ARG A 45 -1.84 22.52 5.14
CA ARG A 45 -2.86 23.14 4.30
C ARG A 45 -3.76 22.13 3.57
N GLN A 46 -3.17 20.99 3.20
CA GLN A 46 -3.87 19.89 2.55
C GLN A 46 -5.01 19.30 3.39
N ALA A 47 -4.89 19.37 4.72
CA ALA A 47 -6.00 18.98 5.60
C ALA A 47 -7.28 19.85 5.42
N GLY A 48 -7.10 21.08 4.89
CA GLY A 48 -8.13 22.13 4.83
C GLY A 48 -7.94 23.14 5.97
N PHE A 49 -8.50 24.33 5.80
CA PHE A 49 -8.46 25.36 6.87
C PHE A 49 -9.16 24.82 8.11
N PRO A 50 -8.51 24.96 9.28
CA PRO A 50 -9.10 24.51 10.54
C PRO A 50 -10.41 25.28 10.85
N ARG A 51 -11.40 24.56 11.34
CA ARG A 51 -12.73 25.12 11.66
C ARG A 51 -12.64 26.02 12.92
N ARG A 52 -13.37 27.13 12.91
CA ARG A 52 -13.41 28.04 14.09
C ARG A 52 -14.03 27.36 15.29
N PRO A 53 -13.60 27.76 16.48
CA PRO A 53 -14.10 27.21 17.74
C PRO A 53 -15.62 27.20 17.78
N ILE A 66 -16.18 11.94 12.17
CA ILE A 66 -14.97 12.03 12.98
C ILE A 66 -13.82 12.54 12.11
N GLN A 67 -12.92 13.33 12.70
CA GLN A 67 -11.82 13.98 11.98
C GLN A 67 -10.74 12.93 11.64
N PRO A 68 -10.22 12.92 10.40
CA PRO A 68 -9.33 11.83 9.99
C PRO A 68 -7.88 12.15 10.41
N ARG A 69 -6.96 11.20 10.20
CA ARG A 69 -5.52 11.43 10.40
C ARG A 69 -5.12 12.39 9.28
N GLY A 70 -4.73 13.62 9.64
CA GLY A 70 -4.45 14.57 8.55
C GLY A 70 -3.18 14.15 7.80
N PRO A 71 -2.91 14.76 6.62
CA PRO A 71 -1.72 14.40 5.86
C PRO A 71 -0.39 14.51 6.59
N ILE A 72 -0.17 15.58 7.34
CA ILE A 72 1.07 15.66 8.12
C ILE A 72 1.19 14.51 9.11
N GLU A 73 0.09 14.13 9.75
CA GLU A 73 0.14 13.02 10.74
C GLU A 73 0.38 11.68 10.02
N GLN A 74 -0.13 11.55 8.81
CA GLN A 74 0.18 10.35 7.99
C GLN A 74 1.67 10.23 7.71
N VAL A 75 2.30 11.36 7.35
CA VAL A 75 3.76 11.39 7.17
C VAL A 75 4.50 10.91 8.46
N TYR A 76 4.13 11.44 9.60
CA TYR A 76 4.80 11.12 10.87
C TYR A 76 4.50 9.70 11.36
N GLN A 77 3.32 9.19 11.02
CA GLN A 77 2.98 7.80 11.22
C GLN A 77 3.94 6.95 10.46
N GLU A 78 4.09 7.25 9.17
CA GLU A 78 5.00 6.48 8.37
C GLU A 78 6.43 6.47 8.96
N ILE A 79 6.92 7.62 9.41
CA ILE A 79 8.25 7.67 10.01
C ILE A 79 8.34 6.70 11.22
N ALA A 80 7.35 6.83 12.12
CA ALA A 80 7.34 6.08 13.37
C ALA A 80 7.33 4.59 13.08
N ILE A 81 6.49 4.17 12.12
CA ILE A 81 6.41 2.76 11.77
C ILE A 81 7.65 2.20 11.11
N LEU A 82 8.18 2.93 10.13
CA LEU A 82 9.33 2.39 9.36
C LEU A 82 10.62 2.32 10.18
N LYS A 83 10.70 3.12 11.24
CA LYS A 83 11.82 3.02 12.17
C LYS A 83 11.92 1.67 12.85
N LYS A 84 10.86 0.87 12.85
CA LYS A 84 10.91 -0.37 13.63
C LYS A 84 10.82 -1.58 12.76
N LEU A 85 11.00 -1.42 11.45
CA LEU A 85 10.83 -2.53 10.54
C LEU A 85 12.09 -2.85 9.79
N ASP A 86 12.25 -4.12 9.44
CA ASP A 86 13.42 -4.58 8.72
C ASP A 86 13.07 -5.90 8.07
N HIS A 87 12.65 -5.84 6.81
CA HIS A 87 12.29 -7.03 6.10
C HIS A 87 12.57 -6.75 4.60
N PRO A 88 13.06 -7.73 3.87
CA PRO A 88 13.33 -7.49 2.45
C PRO A 88 12.14 -7.07 1.55
N ASN A 89 10.89 -7.35 1.98
CA ASN A 89 9.71 -6.98 1.21
C ASN A 89 8.99 -5.76 1.75
N VAL A 90 9.70 -4.98 2.56
CA VAL A 90 9.21 -3.70 3.08
C VAL A 90 10.28 -2.66 2.80
N VAL A 91 9.89 -1.53 2.19
CA VAL A 91 10.87 -0.46 1.92
C VAL A 91 11.53 0.04 3.22
N LYS A 92 12.84 0.22 3.16
CA LYS A 92 13.60 0.74 4.31
C LYS A 92 13.73 2.24 4.28
N LEU A 93 13.40 2.85 5.41
CA LEU A 93 13.66 4.24 5.69
C LEU A 93 15.07 4.32 6.29
N VAL A 94 15.93 5.11 5.66
CA VAL A 94 17.36 5.15 5.98
C VAL A 94 17.68 6.36 6.88
N GLU A 95 17.05 7.50 6.63
CA GLU A 95 17.30 8.73 7.36
C GLU A 95 16.12 9.67 7.19
N VAL A 96 15.91 10.51 8.20
CA VAL A 96 14.93 11.59 8.17
C VAL A 96 15.67 12.87 8.52
N LEU A 97 15.54 13.91 7.70
CA LEU A 97 16.06 15.25 8.02
C LEU A 97 14.88 16.15 8.27
N ASP A 98 14.68 16.48 9.55
CA ASP A 98 13.58 17.27 10.02
C ASP A 98 14.06 18.30 11.03
N ASP A 99 14.38 19.48 10.52
CA ASP A 99 14.75 20.63 11.34
C ASP A 99 13.47 21.38 11.72
N PRO A 100 13.23 21.59 13.04
CA PRO A 100 12.06 22.39 13.48
C PRO A 100 12.01 23.82 12.92
N ASN A 101 13.14 24.35 12.45
CA ASN A 101 13.20 25.67 11.81
C ASN A 101 13.03 25.71 10.32
N GLU A 102 13.04 24.54 9.64
CA GLU A 102 12.82 24.48 8.20
C GLU A 102 11.38 24.02 7.92
N ASP A 103 10.84 24.50 6.80
CA ASP A 103 9.55 24.02 6.32
C ASP A 103 9.66 22.62 5.66
N HIS A 104 10.78 22.37 5.02
CA HIS A 104 10.97 21.13 4.30
C HIS A 104 11.27 20.00 5.27
N LEU A 105 10.72 18.84 4.94
CA LEU A 105 10.99 17.59 5.63
C LEU A 105 11.52 16.60 4.58
N TYR A 106 12.60 15.87 4.90
CA TYR A 106 13.26 14.98 3.94
C TYR A 106 13.30 13.57 4.48
N MET A 107 12.76 12.61 3.72
CA MET A 107 12.75 11.20 4.09
C MET A 107 13.58 10.45 3.03
N VAL A 108 14.62 9.76 3.47
CA VAL A 108 15.54 9.08 2.59
C VAL A 108 15.26 7.62 2.76
N PHE A 109 14.95 6.99 1.62
CA PHE A 109 14.67 5.57 1.49
C PHE A 109 15.75 4.88 0.71
N GLU A 110 15.88 3.59 0.93
CA GLU A 110 16.65 2.73 0.04
C GLU A 110 16.05 2.84 -1.39
N LEU A 111 16.91 2.76 -2.40
CA LEU A 111 16.46 2.90 -3.75
C LEU A 111 15.84 1.56 -4.19
N VAL A 112 14.59 1.58 -4.66
CA VAL A 112 13.93 0.36 -5.23
C VAL A 112 13.85 0.74 -6.72
N ASN A 113 14.74 0.16 -7.50
CA ASN A 113 15.08 0.82 -8.77
C ASN A 113 14.06 0.80 -9.91
N GLN A 114 13.15 -0.19 -9.98
CA GLN A 114 12.21 -0.21 -11.10
C GLN A 114 10.90 0.51 -10.84
N GLY A 115 10.69 1.01 -9.63
CA GLY A 115 9.47 1.76 -9.30
C GLY A 115 8.22 0.87 -9.19
N PRO A 116 7.04 1.49 -9.17
CA PRO A 116 5.82 0.73 -8.86
C PRO A 116 5.61 -0.37 -9.83
N VAL A 117 5.15 -1.51 -9.35
CA VAL A 117 4.97 -2.68 -10.23
C VAL A 117 3.90 -2.44 -11.33
N MET A 118 2.91 -1.61 -11.05
CA MET A 118 1.82 -1.43 -11.99
C MET A 118 1.11 -0.11 -11.71
N GLU A 119 0.70 0.57 -12.76
CA GLU A 119 -0.28 1.67 -12.70
C GLU A 119 -1.63 1.03 -13.11
N VAL A 120 -2.67 1.18 -12.30
CA VAL A 120 -4.00 0.59 -12.60
C VAL A 120 -4.86 1.78 -13.05
N PRO A 121 -5.58 1.72 -14.16
CA PRO A 121 -5.70 0.55 -15.02
C PRO A 121 -4.53 0.41 -16.02
N THR A 122 -4.31 -0.81 -16.53
CA THR A 122 -3.33 -1.01 -17.58
C THR A 122 -3.85 -2.03 -18.58
N LEU A 123 -3.46 -1.83 -19.83
CA LEU A 123 -3.76 -2.75 -20.88
C LEU A 123 -2.73 -3.88 -20.93
N LYS A 124 -1.61 -3.76 -20.19
CA LYS A 124 -0.57 -4.79 -20.16
C LYS A 124 -0.53 -5.35 -18.74
N PRO A 125 -1.42 -6.28 -18.41
CA PRO A 125 -1.32 -6.95 -17.09
C PRO A 125 -0.11 -7.90 -17.02
N LEU A 126 0.15 -8.42 -15.84
CA LEU A 126 1.26 -9.35 -15.66
C LEU A 126 0.82 -10.69 -16.17
N SER A 127 1.77 -11.51 -16.57
CA SER A 127 1.49 -12.96 -16.77
C SER A 127 1.19 -13.61 -15.42
N GLU A 128 0.51 -14.75 -15.44
CA GLU A 128 0.31 -15.51 -14.24
C GLU A 128 1.60 -15.78 -13.47
N ASP A 129 2.67 -16.13 -14.17
CA ASP A 129 3.92 -16.48 -13.50
C ASP A 129 4.55 -15.29 -12.82
N GLN A 130 4.47 -14.12 -13.44
CA GLN A 130 5.01 -12.93 -12.83
C GLN A 130 4.10 -12.47 -11.66
N ALA A 131 2.79 -12.61 -11.84
CA ALA A 131 1.83 -12.29 -10.79
C ALA A 131 2.13 -13.13 -9.54
N ARG A 132 2.36 -14.44 -9.73
CA ARG A 132 2.67 -15.37 -8.66
C ARG A 132 3.94 -15.00 -7.91
N PHE A 133 4.96 -14.62 -8.66
CA PHE A 133 6.26 -14.28 -8.11
C PHE A 133 6.16 -13.04 -7.18
N TYR A 134 5.52 -12.00 -7.67
CA TYR A 134 5.29 -10.80 -6.91
C TYR A 134 4.33 -11.05 -5.72
N PHE A 135 3.30 -11.85 -5.94
CA PHE A 135 2.33 -12.25 -4.90
C PHE A 135 2.96 -12.99 -3.72
N GLN A 136 3.96 -13.79 -4.02
CA GLN A 136 4.74 -14.49 -3.04
C GLN A 136 5.47 -13.52 -2.16
N ASP A 137 6.06 -12.48 -2.77
CA ASP A 137 6.68 -11.37 -2.02
C ASP A 137 5.68 -10.61 -1.17
N LEU A 138 4.52 -10.32 -1.75
CA LEU A 138 3.47 -9.61 -1.02
C LEU A 138 3.05 -10.37 0.24
N ILE A 139 2.92 -11.70 0.15
CA ILE A 139 2.50 -12.58 1.24
C ILE A 139 3.54 -12.50 2.36
N LYS A 140 4.81 -12.64 1.99
CA LYS A 140 5.90 -12.55 2.95
C LYS A 140 5.89 -11.21 3.60
N GLY A 141 5.67 -10.15 2.81
CA GLY A 141 5.74 -8.80 3.39
C GLY A 141 4.60 -8.55 4.40
N ILE A 142 3.39 -8.93 4.02
CA ILE A 142 2.22 -8.76 4.85
C ILE A 142 2.27 -9.66 6.07
N GLU A 143 2.77 -10.88 5.93
CA GLU A 143 2.89 -11.79 7.05
C GLU A 143 3.83 -11.19 8.10
N TYR A 144 4.93 -10.60 7.64
CA TYR A 144 5.83 -9.90 8.53
C TYR A 144 5.15 -8.69 9.24
N LEU A 145 4.46 -7.86 8.48
CA LEU A 145 3.80 -6.68 9.07
C LEU A 145 2.78 -7.08 10.14
N HIS A 146 1.96 -8.07 9.81
CA HIS A 146 0.99 -8.58 10.77
C HIS A 146 1.63 -9.14 12.03
N TYR A 147 2.71 -9.88 11.84
CA TYR A 147 3.52 -10.37 12.96
C TYR A 147 4.01 -9.22 13.80
N GLN A 148 4.43 -8.12 13.17
CA GLN A 148 4.82 -6.91 13.91
C GLN A 148 3.64 -6.06 14.44
N LYS A 149 2.44 -6.57 14.30
CA LYS A 149 1.20 -5.93 14.76
C LYS A 149 0.89 -4.60 14.05
N ILE A 150 1.08 -4.61 12.73
CA ILE A 150 0.75 -3.50 11.86
C ILE A 150 -0.26 -3.92 10.78
N ILE A 151 -1.36 -3.18 10.68
CA ILE A 151 -2.29 -3.34 9.58
C ILE A 151 -1.90 -2.20 8.57
N HIS A 152 -1.60 -2.57 7.34
CA HIS A 152 -1.09 -1.61 6.33
C HIS A 152 -2.13 -0.58 5.88
N ARG A 153 -3.30 -1.09 5.52
CA ARG A 153 -4.49 -0.37 5.09
C ARG A 153 -4.45 0.31 3.71
N ASP A 154 -3.35 0.18 2.98
CA ASP A 154 -3.29 0.76 1.62
C ASP A 154 -2.51 -0.11 0.68
N ILE A 155 -2.81 -1.40 0.73
CA ILE A 155 -2.19 -2.34 -0.17
C ILE A 155 -2.84 -2.17 -1.56
N LYS A 156 -1.99 -1.98 -2.56
CA LYS A 156 -2.42 -1.80 -3.94
C LYS A 156 -1.16 -1.84 -4.85
N PRO A 157 -1.35 -2.18 -6.14
CA PRO A 157 -0.15 -2.24 -7.00
C PRO A 157 0.78 -1.02 -6.98
N SER A 158 0.26 0.19 -6.95
CA SER A 158 1.10 1.34 -6.97
C SER A 158 1.94 1.54 -5.72
N ASN A 159 1.62 0.81 -4.61
CA ASN A 159 2.38 0.84 -3.37
C ASN A 159 3.39 -0.32 -3.23
N LEU A 160 3.57 -1.06 -4.31
CA LEU A 160 4.47 -2.20 -4.35
C LEU A 160 5.60 -1.85 -5.34
N LEU A 161 6.79 -1.58 -4.82
CA LEU A 161 7.94 -1.13 -5.63
C LEU A 161 8.84 -2.32 -5.97
N VAL A 162 9.27 -2.39 -7.23
CA VAL A 162 10.01 -3.56 -7.71
C VAL A 162 11.48 -3.15 -7.66
N GLY A 163 12.28 -3.95 -6.96
CA GLY A 163 13.71 -3.64 -6.80
C GLY A 163 14.53 -4.05 -8.02
N GLU A 164 15.80 -3.68 -7.97
CA GLU A 164 16.78 -4.14 -8.97
C GLU A 164 16.77 -5.70 -9.03
N ASP A 165 16.60 -6.35 -7.89
CA ASP A 165 16.53 -7.81 -7.84
C ASP A 165 15.21 -8.48 -8.31
N GLY A 166 14.27 -7.74 -8.87
CA GLY A 166 13.00 -8.31 -9.32
C GLY A 166 11.98 -8.57 -8.21
N HIS A 167 12.28 -8.20 -6.96
CA HIS A 167 11.33 -8.41 -5.84
C HIS A 167 10.63 -7.13 -5.42
N ILE A 168 9.43 -7.31 -4.89
CA ILE A 168 8.52 -6.26 -4.41
C ILE A 168 8.94 -5.76 -3.06
N LYS A 169 8.82 -4.46 -2.81
CA LYS A 169 8.89 -3.91 -1.47
C LYS A 169 7.62 -3.08 -1.25
N ILE A 170 6.95 -3.35 -0.12
CA ILE A 170 5.75 -2.61 0.29
C ILE A 170 6.14 -1.22 0.83
N ALA A 171 5.44 -0.21 0.34
CA ALA A 171 5.59 1.17 0.69
C ALA A 171 4.27 1.74 1.18
N ASP A 172 4.34 2.97 1.67
CA ASP A 172 3.21 3.84 2.02
C ASP A 172 2.44 3.38 3.27
N PHE A 173 3.00 3.72 4.43
CA PHE A 173 2.47 3.39 5.76
C PHE A 173 1.61 4.49 6.37
N GLY A 174 1.22 5.49 5.60
CA GLY A 174 0.50 6.65 6.12
C GLY A 174 -0.82 6.40 6.84
N VAL A 175 -1.62 5.42 6.39
CA VAL A 175 -2.86 5.11 7.07
C VAL A 175 -2.88 3.78 7.84
N SER A 176 -1.70 3.28 8.15
CA SER A 176 -1.56 2.03 8.85
C SER A 176 -2.03 2.16 10.33
N ASN A 177 -2.29 1.03 10.95
CA ASN A 177 -2.67 1.02 12.39
C ASN A 177 -1.87 -0.07 13.07
N GLU A 178 -1.36 0.27 14.25
CA GLU A 178 -0.77 -0.73 15.12
C GLU A 178 -1.84 -1.19 16.09
N PHE A 179 -1.65 -2.40 16.59
CA PHE A 179 -2.58 -2.96 17.54
C PHE A 179 -1.85 -3.72 18.59
N LYS A 180 -2.60 -4.09 19.63
CA LYS A 180 -2.16 -5.02 20.63
C LYS A 180 -3.01 -6.22 20.53
N GLY A 181 -2.48 -7.33 21.00
CA GLY A 181 -3.25 -8.56 20.96
C GLY A 181 -3.24 -9.18 19.59
N SER A 182 -4.29 -9.94 19.31
CA SER A 182 -4.41 -10.74 18.12
C SER A 182 -4.69 -9.97 16.83
N ASP A 183 -5.36 -8.81 16.93
CA ASP A 183 -5.82 -8.07 15.73
C ASP A 183 -6.24 -6.66 16.10
N ALA A 184 -6.34 -5.80 15.09
CA ALA A 184 -6.79 -4.46 15.30
C ALA A 184 -8.30 -4.51 15.33
N LEU A 185 -8.90 -3.59 16.10
CA LEU A 185 -10.33 -3.44 16.11
C LEU A 185 -10.60 -2.05 15.63
N LEU A 186 -11.12 -1.93 14.42
CA LEU A 186 -11.11 -0.66 13.71
C LEU A 186 -12.51 -0.21 13.39
N SER A 187 -12.72 1.10 13.31
CA SER A 187 -14.04 1.68 12.98
C SER A 187 -14.03 2.77 11.92
N ASN A 188 -12.86 3.15 11.44
CA ASN A 188 -12.70 4.26 10.50
C ASN A 188 -12.45 3.71 9.10
N THR A 189 -12.88 4.47 8.10
CA THR A 189 -12.71 4.09 6.68
C THR A 189 -11.59 4.89 6.11
N VAL A 190 -10.45 4.27 5.84
CA VAL A 190 -9.27 4.93 5.22
C VAL A 190 -8.67 4.06 4.11
N GLY A 191 -7.77 4.66 3.33
CA GLY A 191 -7.02 3.98 2.30
C GLY A 191 -7.61 4.30 0.93
N THR A 192 -7.44 3.42 -0.02
CA THR A 192 -7.82 3.70 -1.40
C THR A 192 -9.19 3.03 -1.72
N PRO A 193 -10.23 3.82 -2.13
CA PRO A 193 -11.62 3.28 -2.23
C PRO A 193 -11.79 1.92 -2.93
N ALA A 194 -11.15 1.75 -4.10
CA ALA A 194 -11.30 0.49 -4.88
C ALA A 194 -10.78 -0.75 -4.17
N PHE A 195 -9.94 -0.55 -3.15
CA PHE A 195 -9.30 -1.59 -2.38
C PHE A 195 -9.87 -1.81 -0.97
N MET A 196 -10.90 -1.04 -0.59
CA MET A 196 -11.45 -1.06 0.78
C MET A 196 -12.45 -2.20 0.88
N ALA A 197 -12.35 -2.95 1.95
CA ALA A 197 -13.14 -4.17 2.12
C ALA A 197 -14.57 -3.78 2.45
N PRO A 198 -15.56 -4.59 2.03
CA PRO A 198 -16.99 -4.28 2.26
C PRO A 198 -17.40 -4.02 3.71
N GLU A 199 -16.85 -4.75 4.67
CA GLU A 199 -17.14 -4.51 6.07
C GLU A 199 -16.70 -3.14 6.63
N SER A 200 -15.81 -2.42 5.93
CA SER A 200 -15.42 -1.06 6.30
C SER A 200 -16.32 0.00 5.69
N LEU A 201 -17.30 -0.40 4.85
CA LEU A 201 -18.13 0.54 4.10
C LEU A 201 -19.61 0.55 4.51
N SER A 202 -19.88 0.09 5.74
CA SER A 202 -21.21 0.06 6.34
C SER A 202 -21.77 1.46 6.61
N GLU A 203 -23.09 1.58 6.44
CA GLU A 203 -23.86 2.82 6.69
C GLU A 203 -23.75 3.26 8.14
N THR A 204 -23.92 2.30 9.05
CA THR A 204 -23.84 2.53 10.49
C THR A 204 -22.41 2.27 11.00
N ARG A 205 -21.92 3.06 11.96
CA ARG A 205 -20.59 2.81 12.56
C ARG A 205 -20.58 1.39 13.18
N LYS A 206 -19.56 0.61 12.80
CA LYS A 206 -19.37 -0.81 13.12
C LYS A 206 -17.87 -0.95 13.52
N ILE A 207 -17.50 -2.08 14.12
CA ILE A 207 -16.13 -2.41 14.44
C ILE A 207 -15.78 -3.59 13.57
N PHE A 208 -14.62 -3.55 12.94
CA PHE A 208 -14.16 -4.63 12.09
C PHE A 208 -12.71 -4.89 12.35
N SER A 209 -12.28 -6.11 12.02
CA SER A 209 -10.93 -6.53 12.32
C SER A 209 -10.02 -6.11 11.18
N GLY A 210 -8.78 -5.87 11.57
CA GLY A 210 -7.77 -5.32 10.70
C GLY A 210 -7.16 -6.28 9.68
N LYS A 211 -6.68 -7.47 10.12
CA LYS A 211 -5.93 -8.33 9.20
C LYS A 211 -6.72 -8.65 7.94
N ALA A 212 -8.03 -8.85 8.12
CA ALA A 212 -8.89 -9.17 6.97
C ALA A 212 -9.02 -8.04 5.93
N LEU A 213 -8.81 -6.79 6.36
CA LEU A 213 -8.85 -5.67 5.44
C LEU A 213 -7.67 -5.82 4.52
N ASP A 214 -6.50 -6.11 5.09
CA ASP A 214 -5.31 -6.33 4.27
C ASP A 214 -5.45 -7.53 3.30
N VAL A 215 -6.06 -8.64 3.72
CA VAL A 215 -6.32 -9.77 2.79
C VAL A 215 -7.23 -9.35 1.63
N TRP A 216 -8.28 -8.62 1.92
CA TRP A 216 -9.17 -8.13 0.89
C TRP A 216 -8.39 -7.28 -0.15
N ALA A 217 -7.59 -6.31 0.32
CA ALA A 217 -6.81 -5.45 -0.59
C ALA A 217 -5.75 -6.24 -1.39
N MET A 218 -5.22 -7.29 -0.77
CA MET A 218 -4.35 -8.22 -1.44
C MET A 218 -5.06 -8.96 -2.59
N GLY A 219 -6.34 -9.28 -2.39
CA GLY A 219 -7.16 -9.89 -3.38
C GLY A 219 -7.43 -8.98 -4.58
N VAL A 220 -7.78 -7.73 -4.29
CA VAL A 220 -8.01 -6.75 -5.32
C VAL A 220 -6.71 -6.54 -6.06
N THR A 221 -5.61 -6.49 -5.31
CA THR A 221 -4.29 -6.35 -5.90
C THR A 221 -3.96 -7.49 -6.88
N LEU A 222 -4.18 -8.72 -6.46
CA LEU A 222 -3.86 -9.86 -7.30
C LEU A 222 -4.79 -9.92 -8.55
N TYR A 223 -6.07 -9.58 -8.38
CA TYR A 223 -6.96 -9.39 -9.55
C TYR A 223 -6.40 -8.34 -10.52
N CYS A 224 -5.89 -7.22 -9.97
CA CYS A 224 -5.27 -6.18 -10.82
C CYS A 224 -4.04 -6.72 -11.58
N PHE A 225 -3.21 -7.46 -10.85
CA PHE A 225 -2.02 -8.09 -11.43
C PHE A 225 -2.32 -8.83 -12.73
N VAL A 226 -3.28 -9.76 -12.69
CA VAL A 226 -3.57 -10.56 -13.85
C VAL A 226 -4.51 -9.92 -14.83
N PHE A 227 -5.38 -8.98 -14.41
CA PHE A 227 -6.39 -8.39 -15.34
C PHE A 227 -6.16 -6.95 -15.73
N GLY A 228 -5.30 -6.27 -15.00
CA GLY A 228 -4.96 -4.86 -15.25
C GLY A 228 -5.98 -3.82 -14.80
N GLN A 229 -7.06 -4.25 -14.17
CA GLN A 229 -8.08 -3.32 -13.65
C GLN A 229 -8.67 -3.98 -12.41
N CYS A 230 -9.31 -3.19 -11.53
CA CYS A 230 -10.01 -3.69 -10.35
C CYS A 230 -11.30 -4.45 -10.62
N PRO A 231 -11.69 -5.37 -9.69
CA PRO A 231 -12.88 -6.15 -9.92
C PRO A 231 -14.15 -5.31 -9.75
N PHE A 232 -14.05 -4.25 -8.95
CA PHE A 232 -15.17 -3.35 -8.69
C PHE A 232 -14.71 -1.95 -9.04
N MET A 233 -15.47 -1.29 -9.91
CA MET A 233 -15.02 -0.01 -10.43
C MET A 233 -16.16 0.95 -10.71
N ASP A 234 -15.94 2.21 -10.33
CA ASP A 234 -16.85 3.30 -10.64
C ASP A 234 -16.08 4.61 -10.31
N GLU A 235 -16.22 5.60 -11.17
CA GLU A 235 -15.60 6.91 -10.96
C GLU A 235 -16.21 7.65 -9.75
N ARG A 236 -17.44 7.30 -9.34
CA ARG A 236 -18.08 7.92 -8.17
C ARG A 236 -17.87 7.09 -6.90
N ILE A 237 -17.17 7.66 -5.90
CA ILE A 237 -16.78 6.92 -4.66
C ILE A 237 -17.96 6.20 -4.05
N MET A 238 -19.10 6.88 -3.93
CA MET A 238 -20.25 6.29 -3.27
C MET A 238 -20.83 5.08 -4.01
N CYS A 239 -20.78 5.10 -5.35
CA CYS A 239 -21.33 3.99 -6.15
C CYS A 239 -20.34 2.85 -6.19
N LEU A 240 -19.06 3.20 -6.27
CA LEU A 240 -18.00 2.22 -6.04
C LEU A 240 -18.19 1.44 -4.73
N HIS A 241 -18.42 2.16 -3.62
CA HIS A 241 -18.60 1.51 -2.30
C HIS A 241 -19.79 0.57 -2.32
N SER A 242 -20.85 0.97 -3.00
CA SER A 242 -22.06 0.17 -3.13
C SER A 242 -21.81 -1.11 -3.95
N LYS A 243 -21.05 -0.97 -5.04
CA LYS A 243 -20.66 -2.15 -5.82
C LYS A 243 -19.77 -3.15 -5.08
N ILE A 244 -18.80 -2.63 -4.33
CA ILE A 244 -17.94 -3.47 -3.46
C ILE A 244 -18.83 -4.30 -2.50
N LYS A 245 -19.87 -3.69 -1.94
CA LYS A 245 -20.77 -4.40 -1.02
C LYS A 245 -21.79 -5.31 -1.71
N SER A 246 -22.28 -4.94 -2.89
CA SER A 246 -23.41 -5.66 -3.46
C SER A 246 -23.11 -6.50 -4.70
N GLN A 247 -22.09 -6.18 -5.48
CA GLN A 247 -21.81 -6.93 -6.71
C GLN A 247 -21.06 -8.23 -6.43
N ALA A 248 -21.53 -9.33 -6.99
CA ALA A 248 -20.77 -10.57 -6.99
C ALA A 248 -19.49 -10.41 -7.85
N LEU A 249 -18.40 -10.99 -7.38
CA LEU A 249 -17.16 -11.01 -8.12
C LEU A 249 -17.40 -11.66 -9.50
N GLU A 250 -16.87 -11.03 -10.54
CA GLU A 250 -16.81 -11.59 -11.89
C GLU A 250 -15.41 -11.48 -12.50
N PHE A 251 -15.06 -12.49 -13.28
CA PHE A 251 -13.83 -12.53 -14.06
C PHE A 251 -14.19 -12.30 -15.52
N PRO A 252 -13.38 -11.53 -16.27
CA PRO A 252 -13.62 -11.43 -17.73
C PRO A 252 -13.37 -12.75 -18.48
N ASP A 253 -13.90 -12.83 -19.71
CA ASP A 253 -13.72 -14.01 -20.57
C ASP A 253 -12.23 -14.20 -20.90
N GLN A 254 -11.57 -13.14 -21.33
CA GLN A 254 -10.15 -13.12 -21.59
C GLN A 254 -9.57 -12.00 -20.72
N PRO A 255 -8.34 -12.16 -20.19
CA PRO A 255 -7.54 -13.38 -20.36
C PRO A 255 -8.08 -14.53 -19.52
N ASP A 256 -8.07 -15.72 -20.12
CA ASP A 256 -8.40 -16.92 -19.39
C ASP A 256 -7.34 -17.05 -18.27
N ILE A 257 -7.73 -17.49 -17.07
CA ILE A 257 -6.75 -17.74 -16.00
C ILE A 257 -7.02 -19.09 -15.42
N ALA A 258 -6.02 -19.68 -14.77
CA ALA A 258 -6.18 -20.99 -14.11
C ALA A 258 -7.30 -21.01 -13.05
N GLU A 259 -7.93 -22.17 -12.91
CA GLU A 259 -9.00 -22.36 -11.94
C GLU A 259 -8.54 -22.17 -10.48
N ASP A 260 -7.33 -22.61 -10.18
CA ASP A 260 -6.77 -22.42 -8.85
C ASP A 260 -6.56 -20.91 -8.52
N LEU A 261 -6.11 -20.11 -9.50
CA LEU A 261 -6.07 -18.66 -9.31
C LEU A 261 -7.43 -18.02 -9.13
N LYS A 262 -8.45 -18.43 -9.91
CA LYS A 262 -9.80 -17.93 -9.67
C LYS A 262 -10.30 -18.33 -8.29
N ASP A 263 -10.00 -19.54 -7.83
CA ASP A 263 -10.40 -19.95 -6.48
C ASP A 263 -9.77 -19.06 -5.36
N LEU A 264 -8.47 -18.86 -5.43
CA LEU A 264 -7.74 -17.98 -4.51
C LEU A 264 -8.33 -16.57 -4.48
N ILE A 265 -8.48 -15.95 -5.66
CA ILE A 265 -9.04 -14.61 -5.72
C ILE A 265 -10.42 -14.61 -5.11
N THR A 266 -11.25 -15.59 -5.48
CA THR A 266 -12.58 -15.70 -4.89
C THR A 266 -12.54 -15.76 -3.37
N ARG A 267 -11.64 -16.57 -2.83
CA ARG A 267 -11.55 -16.69 -1.36
C ARG A 267 -10.98 -15.45 -0.66
N MET A 268 -10.12 -14.69 -1.32
CA MET A 268 -9.62 -13.44 -0.73
C MET A 268 -10.71 -12.38 -0.81
N LEU A 269 -11.60 -12.48 -1.80
CA LEU A 269 -12.63 -11.47 -2.00
C LEU A 269 -14.04 -11.96 -1.55
N ASP A 270 -14.02 -12.87 -0.58
CA ASP A 270 -15.19 -13.17 0.18
C ASP A 270 -15.66 -11.90 0.94
N LYS A 271 -16.91 -11.52 0.74
CA LYS A 271 -17.42 -10.30 1.34
C LYS A 271 -17.61 -10.35 2.83
N ASN A 272 -17.68 -11.54 3.38
CA ASN A 272 -17.79 -11.75 4.80
C ASN A 272 -16.39 -12.00 5.38
N PRO A 273 -15.90 -11.10 6.24
CA PRO A 273 -14.57 -11.27 6.79
C PRO A 273 -14.39 -12.48 7.68
N GLU A 274 -15.50 -12.96 8.29
CA GLU A 274 -15.50 -14.19 9.12
C GLU A 274 -15.04 -15.41 8.30
N SER A 275 -15.39 -15.47 7.03
CA SER A 275 -15.04 -16.64 6.24
C SER A 275 -13.91 -16.40 5.24
N ARG A 276 -13.50 -15.15 5.12
CA ARG A 276 -12.45 -14.80 4.15
C ARG A 276 -11.18 -15.58 4.49
N ILE A 277 -10.54 -16.13 3.48
CA ILE A 277 -9.26 -16.80 3.66
C ILE A 277 -8.22 -15.95 4.47
N VAL A 278 -7.47 -16.60 5.36
CA VAL A 278 -6.43 -15.91 6.14
C VAL A 278 -5.08 -16.23 5.58
N VAL A 279 -4.08 -15.46 5.99
CA VAL A 279 -2.76 -15.60 5.42
C VAL A 279 -2.14 -17.01 5.56
N PRO A 280 -2.31 -17.68 6.72
CA PRO A 280 -1.79 -19.05 6.82
C PRO A 280 -2.40 -19.97 5.75
N GLU A 281 -3.64 -19.71 5.37
CA GLU A 281 -4.35 -20.46 4.33
C GLU A 281 -3.89 -20.07 2.92
N ILE A 282 -3.59 -18.79 2.70
CA ILE A 282 -3.06 -18.31 1.41
C ILE A 282 -1.70 -18.96 1.12
N LYS A 283 -0.88 -19.07 2.16
CA LYS A 283 0.42 -19.68 2.04
C LYS A 283 0.31 -21.14 1.66
N LEU A 284 -0.79 -21.80 2.03
CA LEU A 284 -1.02 -23.20 1.64
C LEU A 284 -1.77 -23.42 0.30
N HIS A 285 -2.17 -22.35 -0.37
CA HIS A 285 -3.07 -22.52 -1.52
C HIS A 285 -2.30 -23.09 -2.72
N PRO A 286 -2.92 -24.02 -3.50
CA PRO A 286 -2.17 -24.61 -4.64
C PRO A 286 -1.60 -23.64 -5.67
N TRP A 287 -2.34 -22.59 -6.00
CA TRP A 287 -1.81 -21.58 -6.91
C TRP A 287 -0.52 -20.92 -6.39
N VAL A 288 -0.43 -20.67 -5.08
CA VAL A 288 0.76 -20.06 -4.48
C VAL A 288 1.93 -21.02 -4.43
N THR A 289 1.67 -22.31 -4.13
CA THR A 289 2.75 -23.30 -4.04
C THR A 289 3.15 -23.89 -5.42
N ARG A 290 2.54 -23.41 -6.49
CA ARG A 290 3.05 -23.48 -7.90
C ARG A 290 2.59 -24.75 -8.54
CBC BI9 B . 12.42 6.11 -13.28
CBE BI9 B . 11.86 6.43 -14.65
OBG BI9 B . 11.41 5.24 -15.33
CBF BI9 B . 10.43 4.57 -14.54
CBD BI9 B . 10.99 4.16 -13.20
NBB BI9 B . 11.46 5.34 -12.47
CBA BI9 B . 11.81 5.08 -11.12
CAY BI9 B . 13.16 4.90 -10.75
CAS BI9 B . 13.50 4.62 -9.43
OAT BI9 B . 14.78 4.44 -9.00
CAU BI9 B . 15.86 4.52 -9.94
CAX BI9 B . 10.81 4.93 -10.16
CAR BI9 B . 11.14 4.65 -8.85
CAL BI9 B . 12.47 4.50 -8.47
NAH BI9 B . 12.85 4.17 -7.15
C2 BI9 B . 12.27 4.40 -5.95
N3 BI9 B . 11.09 5.02 -5.88
N1 BI9 B . 12.98 3.97 -4.88
C6 BI9 B . 12.44 4.17 -3.67
C5 BI9 B . 11.23 4.80 -3.51
CL5 BI9 B . 10.58 5.08 -1.92
C4 BI9 B . 10.56 5.21 -4.66
NAE BI9 B . 9.36 5.86 -4.57
CAJ BI9 B . 8.45 6.30 -5.56
CAQ BI9 B . 8.93 6.79 -6.79
CAW BI9 B . 8.05 7.21 -7.77
CAZ BI9 B . 6.68 7.18 -7.55
CAV BI9 B . 6.20 6.71 -6.34
CAP BI9 B . 7.06 6.26 -5.35
CAO BI9 B . 6.51 5.76 -4.05
OAI BI9 B . 7.18 5.84 -3.00
NAN BI9 B . 5.31 5.17 -4.06
CAM BI9 B . 4.60 4.83 -2.84
C1 EDO C . -2.39 3.97 15.50
O1 EDO C . -2.89 2.63 15.38
C2 EDO C . -0.91 3.96 15.84
O2 EDO C . -0.21 3.11 14.93
CL CL D . -2.77 1.02 -7.80
C ACT E . -0.42 12.79 2.02
O ACT E . 0.74 12.46 2.32
OXT ACT E . -1.44 12.20 2.48
CH3 ACT E . -0.63 13.94 1.10
C ACT F . 13.98 11.08 -15.22
O ACT F . 15.09 11.14 -15.80
OXT ACT F . 13.57 12.00 -14.47
CH3 ACT F . 13.08 9.88 -15.39
N NH4 G . 6.99 4.82 1.58
#